data_3HHH
#
_entry.id   3HHH
#
_cell.length_a   86.766
_cell.length_b   86.766
_cell.length_c   84.731
_cell.angle_alpha   90.00
_cell.angle_beta   90.00
_cell.angle_gamma   120.00
#
_symmetry.space_group_name_H-M   'H 3'
#
loop_
_entity.id
_entity.type
_entity.pdbx_description
1 polymer 'Transcriptional regulator, PadR family'
2 non-polymer GLYCEROL
3 non-polymer 'SULFATE ION'
4 water water
#
_entity_poly.entity_id   1
_entity_poly.type   'polypeptide(L)'
_entity_poly.pdbx_seq_one_letter_code
;SNA(MSE)KQTELLKGILEGLVLAIIQRKETYGYEITKILNDQGFTEIVEGTVYTILLRLEKNQWVIAEKKPSEKGP
(MSE)RKFYRLTSSGEAELADFWQRWTLLSKQVNK(MSE)KKNGGIEHVKF
;
_entity_poly.pdbx_strand_id   A,B
#
# COMPACT_ATOMS: atom_id res chain seq x y z
N LYS A 5 -7.39 8.28 0.71
CA LYS A 5 -6.73 6.96 0.99
C LYS A 5 -5.74 6.58 -0.12
N GLN A 6 -5.79 7.29 -1.24
CA GLN A 6 -4.90 7.04 -2.38
C GLN A 6 -3.45 7.36 -2.04
N THR A 7 -3.25 8.43 -1.26
CA THR A 7 -1.93 8.82 -0.76
C THR A 7 -1.32 7.70 0.06
N GLU A 8 -2.12 7.13 0.96
CA GLU A 8 -1.70 5.99 1.77
C GLU A 8 -1.51 4.71 0.95
N LEU A 9 -2.24 4.59 -0.16
CA LEU A 9 -2.14 3.41 -1.02
C LEU A 9 -0.80 3.35 -1.77
N LEU A 10 -0.29 4.51 -2.14
CA LEU A 10 0.98 4.60 -2.86
C LEU A 10 2.18 4.47 -1.93
N LYS A 11 1.96 4.65 -0.63
CA LYS A 11 3.04 4.53 0.35
C LYS A 11 3.67 3.13 0.29
N GLY A 12 4.99 3.08 0.21
CA GLY A 12 5.71 1.82 0.03
C GLY A 12 5.88 1.54 -1.44
N ILE A 13 4.74 1.41 -2.13
CA ILE A 13 4.73 1.14 -3.57
C ILE A 13 5.55 2.16 -4.35
N LEU A 14 5.25 3.44 -4.13
CA LEU A 14 5.84 4.53 -4.90
C LEU A 14 7.38 4.49 -4.90
N GLU A 15 7.96 4.24 -3.73
CA GLU A 15 9.41 4.15 -3.58
C GLU A 15 9.98 3.13 -4.57
N GLY A 16 9.39 1.93 -4.57
CA GLY A 16 9.78 0.87 -5.49
C GLY A 16 9.58 1.24 -6.94
N LEU A 17 8.50 1.96 -7.25
CA LEU A 17 8.25 2.37 -8.63
C LEU A 17 9.37 3.30 -9.10
N VAL A 18 9.86 4.16 -8.21
CA VAL A 18 10.96 5.05 -8.55
C VAL A 18 12.25 4.24 -8.74
N LEU A 19 12.55 3.36 -7.79
CA LEU A 19 13.65 2.41 -7.94
C LEU A 19 13.56 1.70 -9.31
N ALA A 20 12.39 1.16 -9.62
CA ALA A 20 12.16 0.47 -10.89
C ALA A 20 12.39 1.37 -12.10
N ILE A 21 11.93 2.62 -12.02
CA ILE A 21 12.09 3.58 -13.11
C ILE A 21 13.56 3.92 -13.33
N ILE A 22 14.29 4.16 -12.24
CA ILE A 22 15.72 4.49 -12.32
C ILE A 22 16.53 3.34 -12.91
N GLN A 23 16.09 2.10 -12.69
CA GLN A 23 16.76 0.94 -13.25
C GLN A 23 16.70 0.93 -14.77
N ARG A 24 15.51 1.18 -15.30
CA ARG A 24 15.29 1.09 -16.74
C ARG A 24 15.85 2.29 -17.52
N LYS A 25 16.11 3.40 -16.83
CA LYS A 25 16.73 4.56 -17.47
C LYS A 25 17.37 5.50 -16.45
N GLU A 26 18.52 6.06 -16.83
CA GLU A 26 19.15 7.10 -16.03
C GLU A 26 18.40 8.41 -16.28
N THR A 27 17.88 9.00 -15.20
CA THR A 27 16.88 10.04 -15.31
C THR A 27 16.94 11.02 -14.13
N TYR A 28 16.09 12.04 -14.16
CA TYR A 28 16.12 13.11 -13.17
C TYR A 28 14.74 13.35 -12.54
N GLY A 29 14.73 14.09 -11.44
CA GLY A 29 13.52 14.33 -10.64
C GLY A 29 12.29 14.74 -11.44
N TYR A 30 12.37 15.88 -12.13
CA TYR A 30 11.27 16.39 -12.95
C TYR A 30 10.74 15.30 -13.91
N GLU A 31 11.65 14.55 -14.50
CA GLU A 31 11.29 13.51 -15.46
C GLU A 31 10.63 12.31 -14.79
N ILE A 32 11.12 11.90 -13.62
CA ILE A 32 10.56 10.75 -12.91
C ILE A 32 9.11 11.02 -12.50
N THR A 33 8.86 12.23 -12.00
CA THR A 33 7.50 12.70 -11.67
C THR A 33 6.58 12.65 -12.88
N LYS A 34 7.13 12.90 -14.06
CA LYS A 34 6.37 12.89 -15.31
C LYS A 34 6.08 11.47 -15.79
N ILE A 35 7.12 10.62 -15.81
CA ILE A 35 6.94 9.22 -16.20
C ILE A 35 5.91 8.54 -15.29
N LEU A 36 5.88 8.96 -14.04
CA LEU A 36 4.93 8.43 -13.06
C LEU A 36 3.53 8.95 -13.38
N ASN A 37 3.41 10.25 -13.64
CA ASN A 37 2.13 10.84 -14.04
C ASN A 37 1.57 10.26 -15.34
N ASP A 38 2.44 9.90 -16.28
CA ASP A 38 1.99 9.26 -17.52
C ASP A 38 1.73 7.76 -17.36
N GLN A 39 1.58 7.28 -16.12
CA GLN A 39 1.40 5.86 -15.88
C GLN A 39 -0.04 5.42 -15.61
N GLY A 40 -0.82 6.11 -14.76
CA GLY A 40 -0.38 7.03 -13.70
C GLY A 40 -1.56 7.02 -12.72
N PHE A 41 -1.40 7.20 -11.40
CA PHE A 41 -0.32 7.90 -10.66
C PHE A 41 -0.40 9.41 -10.92
N THR A 42 -1.60 9.96 -10.74
CA THR A 42 -1.93 11.35 -11.07
C THR A 42 -1.79 12.30 -9.89
N GLU A 43 -1.87 11.77 -8.67
CA GLU A 43 -1.77 12.57 -7.44
C GLU A 43 -0.33 12.96 -7.10
N ILE A 44 0.62 12.58 -7.94
CA ILE A 44 2.05 12.68 -7.62
C ILE A 44 2.65 14.04 -7.98
N VAL A 45 2.84 14.87 -6.96
CA VAL A 45 3.60 16.11 -7.11
C VAL A 45 5.09 15.80 -7.03
N GLU A 46 5.90 16.68 -7.62
CA GLU A 46 7.35 16.48 -7.68
C GLU A 46 8.01 16.40 -6.31
N GLY A 47 7.50 17.17 -5.34
CA GLY A 47 7.99 17.12 -3.98
C GLY A 47 7.96 15.73 -3.37
N THR A 48 6.94 14.95 -3.73
CA THR A 48 6.82 13.56 -3.31
C THR A 48 7.93 12.69 -3.90
N VAL A 49 8.34 12.99 -5.13
CA VAL A 49 9.45 12.28 -5.77
C VAL A 49 10.78 12.74 -5.17
N TYR A 50 10.91 14.04 -4.98
CA TYR A 50 12.13 14.61 -4.40
C TYR A 50 12.38 14.11 -2.97
N THR A 51 11.32 13.92 -2.18
CA THR A 51 11.45 13.39 -0.82
C THR A 51 11.92 11.93 -0.86
N ILE A 52 11.42 11.17 -1.82
CA ILE A 52 11.82 9.77 -1.99
C ILE A 52 13.29 9.65 -2.44
N LEU A 53 13.68 10.47 -3.42
CA LEU A 53 15.05 10.41 -3.95
C LEU A 53 16.09 10.76 -2.89
N LEU A 54 15.79 11.76 -2.06
CA LEU A 54 16.67 12.12 -0.95
C LEU A 54 16.89 10.92 -0.02
N ARG A 55 15.81 10.19 0.25
CA ARG A 55 15.86 9.02 1.12
C ARG A 55 16.61 7.84 0.49
N LEU A 56 16.44 7.65 -0.82
CA LEU A 56 17.15 6.60 -1.55
C LEU A 56 18.67 6.89 -1.59
N GLU A 57 19.04 8.17 -1.76
CA GLU A 57 20.44 8.60 -1.67
C GLU A 57 20.99 8.31 -0.28
N LYS A 58 20.27 8.78 0.72
CA LYS A 58 20.70 8.65 2.10
C LYS A 58 21.00 7.19 2.47
N ASN A 59 20.15 6.28 2.00
CA ASN A 59 20.32 4.84 2.22
C ASN A 59 21.28 4.19 1.21
N GLN A 60 21.80 4.99 0.27
CA GLN A 60 22.81 4.56 -0.68
C GLN A 60 22.30 3.49 -1.65
N TRP A 61 20.99 3.51 -1.92
CA TRP A 61 20.37 2.67 -2.92
C TRP A 61 20.45 3.30 -4.31
N VAL A 62 20.74 4.60 -4.36
CA VAL A 62 21.04 5.27 -5.62
C VAL A 62 22.20 6.24 -5.44
N ILE A 63 22.96 6.44 -6.51
CA ILE A 63 23.98 7.47 -6.59
C ILE A 63 23.53 8.49 -7.62
N ALA A 64 23.91 9.75 -7.43
CA ALA A 64 23.51 10.83 -8.33
C ALA A 64 24.73 11.56 -8.90
N GLU A 65 24.56 12.10 -10.10
CA GLU A 65 25.59 12.92 -10.74
C GLU A 65 24.93 14.04 -11.54
N LYS A 66 25.52 15.23 -11.51
CA LYS A 66 25.01 16.37 -12.26
C LYS A 66 25.45 16.27 -13.73
N LYS A 67 24.50 16.31 -14.65
CA LYS A 67 24.79 16.22 -16.08
C LYS A 67 23.82 17.06 -16.91
N PRO A 68 24.17 17.32 -18.19
CA PRO A 68 23.24 18.03 -19.08
C PRO A 68 22.06 17.17 -19.53
N SER A 69 20.97 17.83 -19.92
CA SER A 69 19.73 17.17 -20.33
C SER A 69 19.21 17.72 -21.66
N GLU A 70 18.44 16.90 -22.38
CA GLU A 70 17.84 17.31 -23.65
C GLU A 70 16.73 18.32 -23.41
N PRO A 73 20.08 22.04 -20.09
CA PRO A 73 20.11 22.40 -18.67
C PRO A 73 20.72 21.29 -17.83
N ARG A 75 21.10 18.83 -14.90
CA ARG A 75 20.16 18.15 -14.01
C ARG A 75 20.87 17.07 -13.21
N LYS A 76 20.24 16.64 -12.12
CA LYS A 76 20.80 15.63 -11.22
C LYS A 76 20.31 14.25 -11.63
N PHE A 77 21.22 13.46 -12.21
CA PHE A 77 20.88 12.14 -12.78
C PHE A 77 21.23 10.99 -11.84
N TYR A 78 20.30 10.05 -11.71
CA TYR A 78 20.41 8.94 -10.75
C TYR A 78 20.62 7.60 -11.45
N ARG A 79 21.51 6.79 -10.88
CA ARG A 79 21.63 5.37 -11.24
C ARG A 79 21.43 4.54 -9.98
N LEU A 80 20.97 3.31 -10.13
CA LEU A 80 20.88 2.38 -9.01
C LEU A 80 22.26 1.91 -8.58
N THR A 81 22.43 1.70 -7.27
CA THR A 81 23.57 0.95 -6.75
C THR A 81 23.18 -0.52 -6.71
N SER A 82 24.14 -1.37 -6.34
CA SER A 82 23.86 -2.80 -6.23
C SER A 82 22.96 -3.13 -5.04
N SER A 83 23.10 -2.39 -3.94
CA SER A 83 22.20 -2.55 -2.80
C SER A 83 20.81 -2.08 -3.20
N GLY A 84 20.75 -1.03 -4.02
CA GLY A 84 19.50 -0.57 -4.59
C GLY A 84 18.88 -1.58 -5.53
N GLU A 85 19.73 -2.32 -6.24
CA GLU A 85 19.26 -3.36 -7.16
C GLU A 85 18.60 -4.48 -6.36
N ALA A 86 19.19 -4.83 -5.22
CA ALA A 86 18.63 -5.83 -4.32
C ALA A 86 17.30 -5.35 -3.72
N GLU A 87 17.20 -4.06 -3.44
CA GLU A 87 15.95 -3.48 -2.91
C GLU A 87 14.81 -3.61 -3.91
N LEU A 88 15.05 -3.16 -5.13
CA LEU A 88 14.07 -3.31 -6.21
C LEU A 88 13.63 -4.77 -6.30
N ALA A 89 14.60 -5.68 -6.32
CA ALA A 89 14.33 -7.11 -6.40
C ALA A 89 13.51 -7.60 -5.21
N ASP A 90 13.82 -7.11 -4.01
CA ASP A 90 13.07 -7.47 -2.82
C ASP A 90 11.64 -6.93 -2.89
N PHE A 91 11.49 -5.73 -3.45
CA PHE A 91 10.18 -5.11 -3.59
C PHE A 91 9.25 -5.93 -4.50
N TRP A 92 9.77 -6.39 -5.63
CA TRP A 92 8.95 -7.20 -6.55
C TRP A 92 8.50 -8.50 -5.92
N GLN A 93 9.39 -9.16 -5.18
CA GLN A 93 9.09 -10.38 -4.44
C GLN A 93 7.92 -10.17 -3.48
N ARG A 94 8.01 -9.12 -2.66
CA ARG A 94 6.97 -8.82 -1.67
C ARG A 94 5.67 -8.33 -2.31
N TRP A 95 5.78 -7.50 -3.35
CA TRP A 95 4.62 -7.03 -4.09
C TRP A 95 3.85 -8.18 -4.70
N THR A 96 4.56 -9.09 -5.36
CA THR A 96 3.95 -10.27 -5.96
C THR A 96 3.12 -11.03 -4.93
N LEU A 97 3.72 -11.22 -3.75
CA LEU A 97 3.09 -11.89 -2.64
C LEU A 97 1.87 -11.12 -2.12
N LEU A 98 2.03 -9.81 -1.94
CA LEU A 98 0.96 -8.96 -1.39
C LEU A 98 -0.29 -8.94 -2.27
N SER A 99 -0.11 -8.79 -3.58
CA SER A 99 -1.26 -8.69 -4.50
C SER A 99 -1.89 -10.05 -4.77
N LYS A 100 -1.10 -11.12 -4.68
CA LYS A 100 -1.63 -12.49 -4.71
C LYS A 100 -2.62 -12.66 -3.54
N GLN A 101 -2.19 -12.23 -2.36
CA GLN A 101 -3.01 -12.33 -1.14
C GLN A 101 -4.22 -11.38 -1.16
N VAL A 102 -4.03 -10.17 -1.67
CA VAL A 102 -5.13 -9.19 -1.75
C VAL A 102 -6.18 -9.59 -2.79
N ASN A 103 -5.74 -10.04 -3.97
CA ASN A 103 -6.64 -10.56 -4.99
C ASN A 103 -7.43 -11.78 -4.50
N LYS A 104 -6.77 -12.64 -3.73
CA LYS A 104 -7.42 -13.85 -3.21
C LYS A 104 -8.58 -13.50 -2.26
N LYS A 106 -10.48 -10.62 -2.56
CA LYS A 106 -11.56 -10.04 -3.39
C LYS A 106 -12.46 -11.16 -3.93
N LYS A 107 -11.84 -12.12 -4.62
CA LYS A 107 -12.53 -13.30 -5.12
C LYS A 107 -13.11 -14.07 -3.94
N ASN A 108 -12.30 -14.21 -2.91
CA ASN A 108 -12.72 -14.77 -1.63
C ASN A 108 -13.14 -16.24 -1.75
N LYS B 5 9.43 -0.90 4.95
CA LYS B 5 8.49 -0.78 3.79
C LYS B 5 7.24 -1.63 3.91
N GLN B 6 7.29 -2.72 4.69
CA GLN B 6 6.15 -3.65 4.82
C GLN B 6 4.99 -3.06 5.64
N THR B 7 5.29 -2.20 6.60
CA THR B 7 4.25 -1.44 7.30
C THR B 7 3.69 -0.40 6.34
N GLU B 8 4.57 0.22 5.56
CA GLU B 8 4.18 1.24 4.57
C GLU B 8 3.38 0.63 3.43
N LEU B 9 3.84 -0.53 2.97
CA LEU B 9 3.19 -1.25 1.87
C LEU B 9 1.76 -1.65 2.26
N LEU B 10 1.53 -1.91 3.55
CA LEU B 10 0.22 -2.30 4.05
C LEU B 10 -0.72 -1.12 4.32
N LYS B 11 -0.19 0.10 4.33
CA LYS B 11 -1.01 1.30 4.57
C LYS B 11 -2.01 1.48 3.45
N GLY B 12 -3.26 1.82 3.79
CA GLY B 12 -4.33 1.98 2.81
C GLY B 12 -4.97 0.66 2.43
N ILE B 13 -4.13 -0.35 2.19
CA ILE B 13 -4.60 -1.68 1.84
C ILE B 13 -5.27 -2.35 3.03
N LEU B 14 -4.64 -2.27 4.19
CA LEU B 14 -5.12 -2.99 5.38
C LEU B 14 -6.52 -2.54 5.78
N GLU B 15 -6.75 -1.22 5.72
CA GLU B 15 -8.10 -0.67 5.94
C GLU B 15 -9.09 -1.34 5.00
N GLY B 16 -8.71 -1.47 3.73
CA GLY B 16 -9.55 -2.10 2.72
C GLY B 16 -9.85 -3.56 3.01
N LEU B 17 -8.82 -4.29 3.42
CA LEU B 17 -8.98 -5.71 3.76
C LEU B 17 -9.82 -5.90 5.01
N VAL B 18 -9.67 -5.00 5.97
CA VAL B 18 -10.48 -5.03 7.19
C VAL B 18 -11.95 -4.84 6.84
N LEU B 19 -12.25 -3.83 6.04
CA LEU B 19 -13.63 -3.63 5.58
C LEU B 19 -14.14 -4.90 4.90
N ALA B 20 -13.30 -5.48 4.03
CA ALA B 20 -13.62 -6.71 3.32
C ALA B 20 -14.04 -7.83 4.26
N ILE B 21 -13.22 -8.07 5.29
CA ILE B 21 -13.49 -9.13 6.26
C ILE B 21 -14.81 -8.90 7.00
N ILE B 22 -15.06 -7.67 7.42
CA ILE B 22 -16.30 -7.32 8.13
C ILE B 22 -17.54 -7.53 7.24
N GLN B 23 -17.41 -7.21 5.95
CA GLN B 23 -18.51 -7.40 4.98
C GLN B 23 -18.97 -8.86 4.91
N ARG B 24 -18.00 -9.76 4.96
CA ARG B 24 -18.24 -11.19 4.80
C ARG B 24 -18.97 -11.76 6.02
N LYS B 25 -18.52 -11.38 7.20
CA LYS B 25 -19.07 -11.89 8.45
C LYS B 25 -18.96 -10.85 9.58
N GLU B 26 -20.00 -10.75 10.40
CA GLU B 26 -19.96 -9.94 11.62
C GLU B 26 -18.85 -10.49 12.52
N THR B 27 -18.05 -9.60 13.10
CA THR B 27 -16.76 -10.02 13.63
C THR B 27 -16.18 -9.06 14.68
N TYR B 28 -15.13 -9.51 15.36
CA TYR B 28 -14.40 -8.68 16.33
C TYR B 28 -12.89 -8.83 16.16
N GLY B 29 -12.15 -7.85 16.66
CA GLY B 29 -10.68 -7.76 16.50
C GLY B 29 -9.91 -9.06 16.37
N TYR B 30 -10.13 -9.99 17.29
CA TYR B 30 -9.37 -11.24 17.31
C TYR B 30 -9.66 -12.09 16.09
N GLU B 31 -10.94 -12.22 15.75
CA GLU B 31 -11.37 -12.95 14.55
C GLU B 31 -10.75 -12.34 13.30
N ILE B 32 -10.83 -11.02 13.20
CA ILE B 32 -10.33 -10.28 12.03
C ILE B 32 -8.83 -10.47 11.87
N THR B 33 -8.09 -10.29 12.97
CA THR B 33 -6.64 -10.45 12.97
C THR B 33 -6.24 -11.88 12.61
N LYS B 34 -7.00 -12.85 13.10
CA LYS B 34 -6.71 -14.27 12.87
C LYS B 34 -6.91 -14.66 11.40
N ILE B 35 -7.96 -14.12 10.78
CA ILE B 35 -8.22 -14.31 9.36
C ILE B 35 -7.10 -13.71 8.51
N LEU B 36 -6.73 -12.46 8.80
CA LEU B 36 -5.62 -11.80 8.12
C LEU B 36 -4.33 -12.62 8.26
N ASN B 37 -4.05 -13.09 9.48
CA ASN B 37 -2.87 -13.91 9.74
C ASN B 37 -2.83 -15.17 8.89
N ASP B 38 -4.00 -15.81 8.70
CA ASP B 38 -4.09 -17.07 7.95
C ASP B 38 -4.07 -16.91 6.43
N GLN B 39 -4.02 -15.66 5.93
CA GLN B 39 -4.21 -15.40 4.49
C GLN B 39 -3.02 -15.07 3.55
N GLY B 40 -1.78 -14.85 4.00
CA GLY B 40 -1.37 -14.76 5.39
C GLY B 40 -0.55 -13.50 5.59
N PHE B 41 -1.19 -12.48 6.18
CA PHE B 41 -0.50 -11.28 6.62
C PHE B 41 -0.07 -11.54 8.06
N THR B 42 1.02 -12.30 8.19
CA THR B 42 1.42 -12.90 9.47
C THR B 42 2.00 -11.90 10.47
N GLU B 43 2.58 -10.81 9.98
CA GLU B 43 3.19 -9.80 10.88
C GLU B 43 2.22 -8.66 11.22
N ILE B 44 0.93 -8.95 11.19
CA ILE B 44 -0.10 -8.01 11.61
C ILE B 44 -0.66 -8.44 12.96
N VAL B 45 -0.50 -7.60 13.96
CA VAL B 45 -1.01 -7.84 15.31
C VAL B 45 -2.33 -7.11 15.49
N GLU B 46 -3.13 -7.55 16.47
CA GLU B 46 -4.46 -6.96 16.68
C GLU B 46 -4.42 -5.53 17.22
N GLY B 47 -3.25 -5.10 17.73
CA GLY B 47 -3.03 -3.70 18.07
C GLY B 47 -3.19 -2.82 16.85
N THR B 48 -2.64 -3.29 15.72
CA THR B 48 -2.79 -2.60 14.44
C THR B 48 -4.24 -2.62 13.94
N VAL B 49 -4.91 -3.76 14.14
CA VAL B 49 -6.31 -3.91 13.73
C VAL B 49 -7.21 -3.00 14.56
N TYR B 50 -7.02 -3.06 15.88
CA TYR B 50 -7.75 -2.20 16.82
C TYR B 50 -7.69 -0.73 16.40
N THR B 51 -6.48 -0.24 16.14
CA THR B 51 -6.27 1.15 15.71
C THR B 51 -7.10 1.45 14.47
N ILE B 52 -7.05 0.54 13.50
CA ILE B 52 -7.81 0.66 12.26
C ILE B 52 -9.31 0.65 12.55
N LEU B 53 -9.76 -0.23 13.44
CA LEU B 53 -11.18 -0.34 13.78
C LEU B 53 -11.71 0.92 14.45
N LEU B 54 -10.90 1.54 15.32
CA LEU B 54 -11.27 2.83 15.90
C LEU B 54 -11.55 3.85 14.80
N ARG B 55 -10.69 3.89 13.78
CA ARG B 55 -10.83 4.87 12.71
C ARG B 55 -12.06 4.59 11.84
N LEU B 56 -12.29 3.31 11.53
CA LEU B 56 -13.47 2.91 10.75
C LEU B 56 -14.75 3.34 11.45
N GLU B 57 -14.83 3.04 12.74
CA GLU B 57 -15.96 3.43 13.57
C GLU B 57 -16.13 4.94 13.61
N LYS B 58 -15.04 5.66 13.88
CA LYS B 58 -15.06 7.13 13.95
C LYS B 58 -15.75 7.74 12.73
N ASN B 59 -15.45 7.22 11.54
CA ASN B 59 -16.02 7.73 10.29
C ASN B 59 -17.35 7.07 9.90
N GLN B 60 -17.85 6.19 10.77
CA GLN B 60 -19.16 5.55 10.62
C GLN B 60 -19.29 4.66 9.38
N TRP B 61 -18.16 4.09 8.94
CA TRP B 61 -18.16 3.10 7.87
C TRP B 61 -18.51 1.71 8.43
N VAL B 62 -18.23 1.52 9.72
CA VAL B 62 -18.69 0.33 10.45
C VAL B 62 -19.47 0.75 11.69
N ILE B 63 -20.44 -0.07 12.08
CA ILE B 63 -21.10 0.07 13.38
C ILE B 63 -20.51 -0.97 14.32
N ALA B 64 -20.34 -0.59 15.59
CA ALA B 64 -19.80 -1.48 16.61
C ALA B 64 -20.85 -1.71 17.70
N GLU B 65 -20.90 -2.93 18.22
CA GLU B 65 -21.89 -3.30 19.23
C GLU B 65 -21.44 -4.55 19.98
N LYS B 66 -21.78 -4.62 21.26
CA LYS B 66 -21.30 -5.69 22.13
C LYS B 66 -22.32 -6.82 22.29
N LYS B 67 -21.86 -8.04 22.10
CA LYS B 67 -22.69 -9.22 22.31
C LYS B 67 -21.86 -10.28 23.03
N PRO B 68 -22.52 -11.29 23.63
CA PRO B 68 -21.77 -12.35 24.30
C PRO B 68 -21.00 -13.23 23.31
N SER B 69 -19.93 -13.86 23.80
CA SER B 69 -19.06 -14.67 22.96
C SER B 69 -19.36 -16.16 23.10
N GLU B 70 -18.70 -16.95 22.26
CA GLU B 70 -18.54 -18.38 22.51
C GLU B 70 -17.17 -18.55 23.20
N LYS B 71 -17.15 -18.72 24.52
CA LYS B 71 -18.35 -18.83 25.35
C LYS B 71 -18.27 -18.00 26.63
N GLY B 72 -18.98 -16.88 26.64
CA GLY B 72 -19.17 -16.07 27.85
C GLY B 72 -19.06 -14.57 27.64
N PRO B 73 -17.87 -13.99 27.90
CA PRO B 73 -17.60 -12.55 27.89
C PRO B 73 -18.16 -11.75 26.70
N ARG B 75 -18.00 -9.00 23.68
CA ARG B 75 -17.02 -8.61 22.69
C ARG B 75 -17.61 -7.55 21.79
N LYS B 76 -16.76 -6.70 21.21
CA LYS B 76 -17.20 -5.63 20.33
C LYS B 76 -17.26 -6.14 18.88
N PHE B 77 -18.47 -6.42 18.42
CA PHE B 77 -18.69 -6.98 17.07
C PHE B 77 -18.98 -5.87 16.06
N TYR B 78 -18.53 -6.06 14.82
CA TYR B 78 -18.62 -5.04 13.77
C TYR B 78 -19.45 -5.47 12.56
N ARG B 79 -20.01 -4.49 11.86
CA ARG B 79 -20.68 -4.72 10.59
C ARG B 79 -20.63 -3.44 9.75
N LEU B 80 -20.62 -3.62 8.42
CA LEU B 80 -20.52 -2.49 7.51
C LEU B 80 -21.81 -1.68 7.45
N THR B 81 -21.66 -0.36 7.43
CA THR B 81 -22.77 0.53 7.12
C THR B 81 -22.93 0.57 5.61
N SER B 82 -23.93 1.29 5.12
CA SER B 82 -24.10 1.49 3.68
C SER B 82 -22.94 2.30 3.11
N SER B 83 -22.50 3.32 3.86
CA SER B 83 -21.36 4.14 3.47
C SER B 83 -20.08 3.30 3.48
N GLY B 84 -19.97 2.39 4.44
CA GLY B 84 -18.84 1.48 4.50
C GLY B 84 -18.77 0.59 3.27
N GLU B 85 -19.87 -0.09 2.97
CA GLU B 85 -19.97 -0.92 1.76
C GLU B 85 -19.50 -0.11 0.55
N ALA B 86 -19.97 1.14 0.46
CA ALA B 86 -19.55 2.07 -0.60
C ALA B 86 -18.03 2.28 -0.62
N GLU B 87 -17.44 2.48 0.56
CA GLU B 87 -16.00 2.66 0.70
C GLU B 87 -15.23 1.41 0.22
N LEU B 88 -15.75 0.24 0.57
CA LEU B 88 -15.13 -1.03 0.17
C LEU B 88 -15.18 -1.20 -1.35
N ALA B 89 -16.35 -0.95 -1.95
CA ALA B 89 -16.50 -0.98 -3.40
C ALA B 89 -15.48 -0.06 -4.05
N ASP B 90 -15.26 1.09 -3.43
CA ASP B 90 -14.31 2.08 -3.93
C ASP B 90 -12.87 1.58 -3.79
N PHE B 91 -12.59 0.85 -2.70
CA PHE B 91 -11.26 0.31 -2.47
C PHE B 91 -10.86 -0.70 -3.54
N TRP B 92 -11.75 -1.64 -3.84
CA TRP B 92 -11.44 -2.68 -4.82
C TRP B 92 -11.20 -2.11 -6.22
N GLN B 93 -11.97 -1.09 -6.58
CA GLN B 93 -11.81 -0.43 -7.87
C GLN B 93 -10.46 0.30 -7.96
N ARG B 94 -10.16 1.11 -6.94
CA ARG B 94 -8.85 1.77 -6.82
C ARG B 94 -7.72 0.76 -6.82
N TRP B 95 -7.89 -0.33 -6.07
CA TRP B 95 -6.88 -1.38 -6.01
C TRP B 95 -6.70 -2.06 -7.36
N THR B 96 -7.81 -2.40 -8.01
CA THR B 96 -7.76 -3.08 -9.30
C THR B 96 -7.00 -2.26 -10.34
N LEU B 97 -7.16 -0.94 -10.27
CA LEU B 97 -6.45 -0.03 -11.16
C LEU B 97 -4.96 0.00 -10.79
N LEU B 98 -4.67 0.29 -9.52
CA LEU B 98 -3.29 0.32 -9.01
C LEU B 98 -2.56 -0.98 -9.35
N SER B 99 -3.18 -2.09 -8.96
CA SER B 99 -2.61 -3.42 -9.21
C SER B 99 -2.22 -3.60 -10.67
N LYS B 100 -3.05 -3.08 -11.58
CA LYS B 100 -2.81 -3.17 -13.02
C LYS B 100 -1.63 -2.30 -13.43
N GLN B 101 -1.64 -1.04 -12.97
CA GLN B 101 -0.55 -0.10 -13.25
C GLN B 101 0.81 -0.60 -12.75
N VAL B 102 0.83 -1.15 -11.55
CA VAL B 102 2.06 -1.62 -10.92
C VAL B 102 2.58 -2.90 -11.57
N ASN B 103 1.67 -3.81 -11.91
CA ASN B 103 2.05 -5.06 -12.62
C ASN B 103 2.53 -4.80 -14.05
N LYS B 104 2.03 -3.72 -14.67
CA LYS B 104 2.47 -3.33 -16.01
C LYS B 104 3.89 -2.77 -16.00
N LYS B 106 6.25 -4.42 -13.75
CA LYS B 106 7.00 -5.61 -13.35
C LYS B 106 7.67 -6.32 -14.54
N LYS B 107 7.06 -6.23 -15.72
CA LYS B 107 7.67 -6.76 -16.96
C LYS B 107 7.51 -5.75 -18.09
#